data_5L6N
#
_entry.id   5L6N
#
_cell.length_a   44.546
_cell.length_b   80.238
_cell.length_c   91.369
_cell.angle_alpha   90.00
_cell.angle_beta   90.00
_cell.angle_gamma   90.00
#
_symmetry.space_group_name_H-M   'P 21 21 21'
#
loop_
_entity.id
_entity.type
_entity.pdbx_description
1 polymer Prothrombin
2 polymer Prothrombin
3 polymer 'Thrombin inhibitor madanin 1'
4 non-polymer 2-acetamido-2-deoxy-beta-D-glucopyranose
5 non-polymer 'SODIUM ION'
6 water water
#
loop_
_entity_poly.entity_id
_entity_poly.type
_entity_poly.pdbx_seq_one_letter_code
_entity_poly.pdbx_strand_id
1 'polypeptide(L)' TFGSGEADCGLRPLFEKKSLEDKTERELLESYIDGR L
2 'polypeptide(L)'
;IVEGSDAEIGMSPWQVMLFRKSPQELLCGASLISDRWVLTAAHCLLYPPWDKNFTENDLLVRIGKHSRTRYERNIEKISM
LEKIYIHPRYNWRENLDRDIALMKLKKPVAFSDYIHPVCLPDRETAASLLQAGYKGRVTGWGNLKETWTANVGKGQPSVL
QVVNLPIVERPVCKDSTRIRITDNMFCAGYKPDEGKRGDACEGDSGGPFVMKSPFNNRWYQMGIVSWGEGCDRDGKYGFY
THVFRLKKWIQKVIDQFGE
;
H
3 'polypeptide(L)' VKVQKRTDGDAD(TYS)DE(TYS)EEDGTTPTPDPTAPTAKPR I
#
# COMPACT_ATOMS: atom_id res chain seq x y z
N ALA A 7 -2.84 4.88 -20.30
CA ALA A 7 -3.49 3.58 -20.21
C ALA A 7 -2.46 2.46 -20.41
N ASP A 8 -1.20 2.76 -20.16
CA ASP A 8 -0.15 1.75 -20.09
C ASP A 8 -0.02 1.16 -18.70
N CYS A 9 -0.86 1.59 -17.76
CA CYS A 9 -0.62 1.27 -16.36
C CYS A 9 -0.74 -0.22 -16.11
N GLY A 10 0.01 -0.69 -15.11
CA GLY A 10 -0.19 -2.02 -14.62
C GLY A 10 0.34 -3.13 -15.50
N LEU A 11 1.02 -2.80 -16.59
CA LEU A 11 1.61 -3.81 -17.48
C LEU A 11 3.12 -3.69 -17.34
N ARG A 12 3.76 -4.73 -16.75
CA ARG A 12 5.15 -4.61 -16.33
C ARG A 12 6.08 -4.85 -17.52
N PRO A 13 7.03 -3.95 -17.78
CA PRO A 13 7.96 -4.15 -18.90
C PRO A 13 8.67 -5.49 -18.90
N LEU A 14 9.01 -6.03 -17.73
CA LEU A 14 9.78 -7.27 -17.67
C LEU A 14 8.90 -8.50 -17.53
N PHE A 15 7.58 -8.33 -17.48
CA PHE A 15 6.68 -9.47 -17.40
C PHE A 15 5.59 -9.37 -18.46
N GLU A 16 4.47 -8.69 -18.18
CA GLU A 16 3.36 -8.69 -19.13
C GLU A 16 3.81 -8.28 -20.53
N LYS A 17 4.66 -7.26 -20.63
CA LYS A 17 5.07 -6.79 -21.96
C LYS A 17 6.01 -7.76 -22.67
N LYS A 18 6.64 -8.68 -21.93
CA LYS A 18 7.49 -9.72 -22.51
C LYS A 18 6.78 -11.06 -22.64
N SER A 19 5.50 -11.13 -22.27
CA SER A 19 4.77 -12.39 -22.18
C SER A 19 5.44 -13.36 -21.21
N LEU A 20 5.97 -12.82 -20.12
CA LEU A 20 6.60 -13.61 -19.07
C LEU A 20 5.78 -13.48 -17.79
N GLU A 21 5.61 -14.59 -17.09
CA GLU A 21 4.89 -14.56 -15.81
C GLU A 21 5.85 -14.58 -14.63
N ASP A 22 5.47 -13.91 -13.55
CA ASP A 22 6.35 -13.98 -12.39
C ASP A 22 6.06 -15.27 -11.61
N LYS A 23 6.88 -15.54 -10.59
CA LYS A 23 6.86 -16.87 -9.99
C LYS A 23 5.58 -17.18 -9.23
N THR A 24 4.80 -16.18 -8.81
CA THR A 24 3.64 -16.50 -7.99
C THR A 24 2.32 -15.88 -8.47
N GLU A 25 2.30 -15.19 -9.61
CA GLU A 25 1.05 -14.57 -10.02
C GLU A 25 -0.04 -15.59 -10.34
N ARG A 26 0.33 -16.81 -10.72
CA ARG A 26 -0.70 -17.81 -10.96
C ARG A 26 -1.49 -18.14 -9.70
N GLU A 27 -0.87 -18.00 -8.53
CA GLU A 27 -1.61 -18.23 -7.29
C GLU A 27 -2.75 -17.22 -7.14
N LEU A 28 -2.55 -15.99 -7.63
CA LEU A 28 -3.62 -15.00 -7.60
C LEU A 28 -4.74 -15.37 -8.57
N LEU A 29 -4.38 -15.70 -9.80
CA LEU A 29 -5.37 -16.08 -10.80
C LEU A 29 -6.20 -17.27 -10.33
N GLU A 30 -5.56 -18.24 -9.69
CA GLU A 30 -6.27 -19.42 -9.20
C GLU A 30 -7.26 -19.08 -8.09
N SER A 31 -7.01 -18.00 -7.34
CA SER A 31 -7.93 -17.64 -6.26
C SER A 31 -9.24 -17.09 -6.79
N TYR A 32 -9.29 -16.65 -8.05
CA TYR A 32 -10.58 -16.29 -8.64
C TYR A 32 -11.46 -17.50 -8.91
N ILE A 33 -10.88 -18.71 -8.93
CA ILE A 33 -11.64 -19.93 -9.17
C ILE A 33 -11.90 -20.69 -7.88
N ASP A 34 -10.91 -20.75 -6.98
CA ASP A 34 -10.98 -21.51 -5.74
C ASP A 34 -11.32 -20.68 -4.51
N GLY A 35 -10.79 -19.46 -4.43
CA GLY A 35 -11.03 -18.60 -3.29
C GLY A 35 -12.47 -18.12 -3.19
N ILE B 1 7.56 -7.25 5.71
CA ILE B 1 6.76 -8.37 5.22
C ILE B 1 7.17 -9.64 5.95
N VAL B 2 6.19 -10.33 6.54
CA VAL B 2 6.44 -11.54 7.30
C VAL B 2 6.07 -12.74 6.44
N GLU B 3 6.96 -13.74 6.41
CA GLU B 3 6.75 -14.98 5.67
C GLU B 3 6.53 -14.73 4.18
N GLY B 4 7.17 -13.68 3.65
CA GLY B 4 7.21 -13.44 2.22
C GLY B 4 8.45 -14.03 1.57
N SER B 5 8.71 -13.57 0.36
CA SER B 5 9.85 -14.04 -0.42
C SER B 5 10.48 -12.87 -1.16
N ASP B 6 11.71 -13.07 -1.63
CA ASP B 6 12.36 -12.03 -2.42
C ASP B 6 11.60 -11.75 -3.70
N ALA B 7 11.37 -10.47 -3.99
CA ALA B 7 10.79 -10.10 -5.27
C ALA B 7 11.77 -10.39 -6.40
N GLU B 8 11.22 -10.71 -7.57
CA GLU B 8 11.98 -10.74 -8.79
C GLU B 8 12.24 -9.32 -9.26
N ILE B 9 13.34 -9.14 -10.01
CA ILE B 9 13.70 -7.81 -10.49
C ILE B 9 12.63 -7.31 -11.44
N GLY B 10 12.14 -6.09 -11.18
CA GLY B 10 11.07 -5.52 -11.98
C GLY B 10 9.69 -6.08 -11.68
N MET B 11 9.54 -6.87 -10.61
CA MET B 11 8.25 -7.49 -10.30
C MET B 11 7.23 -6.46 -9.85
N SER B 12 7.67 -5.36 -9.25
CA SER B 12 6.78 -4.38 -8.65
C SER B 12 7.33 -3.02 -9.03
N PRO B 13 7.27 -2.65 -10.32
CA PRO B 13 7.97 -1.45 -10.78
C PRO B 13 7.30 -0.16 -10.35
N TRP B 14 6.13 -0.24 -9.73
CA TRP B 14 5.49 0.91 -9.10
C TRP B 14 5.94 1.11 -7.66
N GLN B 15 6.84 0.28 -7.14
CA GLN B 15 7.25 0.40 -5.75
C GLN B 15 8.04 1.70 -5.52
N VAL B 16 7.69 2.42 -4.46
CA VAL B 16 8.34 3.68 -4.13
C VAL B 16 8.74 3.65 -2.66
N MET B 17 9.91 4.18 -2.34
CA MET B 17 10.38 4.31 -0.96
C MET B 17 10.25 5.77 -0.52
N LEU B 18 9.63 6.01 0.63
CA LEU B 18 9.53 7.36 1.19
C LEU B 18 10.58 7.53 2.27
N PHE B 19 11.44 8.55 2.12
CA PHE B 19 12.53 8.83 3.05
C PHE B 19 12.35 10.17 3.73
N ARG B 20 12.74 10.22 5.00
CA ARG B 20 13.05 11.49 5.63
C ARG B 20 14.37 12.00 5.08
N LYS B 21 14.43 13.31 4.75
CA LYS B 21 15.64 13.91 4.22
C LYS B 21 16.76 13.92 5.26
N SER B 22 16.46 14.43 6.46
CA SER B 22 17.47 14.71 7.48
C SER B 22 16.91 14.54 8.89
N PRO B 23 17.42 13.54 9.63
CA PRO B 23 18.43 12.56 9.18
C PRO B 23 17.84 11.58 8.18
N GLN B 24 18.66 11.12 7.24
CA GLN B 24 18.15 10.22 6.20
C GLN B 24 17.63 8.94 6.83
N GLU B 25 16.37 8.60 6.54
CA GLU B 25 15.74 7.46 7.19
C GLU B 25 14.59 6.97 6.32
N LEU B 26 14.55 5.66 6.08
CA LEU B 26 13.42 5.09 5.35
C LEU B 26 12.19 5.07 6.25
N LEU B 27 11.12 5.71 5.80
CA LEU B 27 9.91 5.87 6.62
C LEU B 27 8.80 4.90 6.27
N CYS B 28 8.59 4.66 4.99
CA CYS B 28 7.34 4.07 4.56
C CYS B 28 7.50 3.55 3.15
N GLY B 29 6.55 2.73 2.73
CA GLY B 29 6.39 2.41 1.32
C GLY B 29 5.40 3.36 0.70
N ALA B 30 5.25 3.20 -0.61
CA ALA B 30 4.46 4.12 -1.44
C ALA B 30 4.39 3.47 -2.81
N SER B 31 3.56 4.05 -3.69
CA SER B 31 3.41 3.50 -5.03
C SER B 31 3.32 4.61 -6.07
N LEU B 32 3.79 4.29 -7.28
CA LEU B 32 3.78 5.22 -8.40
C LEU B 32 2.49 5.03 -9.20
N ILE B 33 1.66 6.07 -9.29
CA ILE B 33 0.39 5.96 -10.01
C ILE B 33 0.36 6.80 -11.29
N SER B 34 1.38 7.62 -11.55
CA SER B 34 1.56 8.25 -12.84
C SER B 34 3.02 8.69 -12.90
N ASP B 35 3.37 9.48 -13.91
CA ASP B 35 4.76 9.92 -13.95
C ASP B 35 5.07 10.98 -12.91
N ARG B 36 4.08 11.46 -12.16
CA ARG B 36 4.38 12.52 -11.20
C ARG B 36 3.55 12.46 -9.93
N TRP B 37 2.78 11.40 -9.71
CA TRP B 37 2.00 11.24 -8.48
C TRP B 37 2.36 9.93 -7.79
N VAL B 38 2.54 10.02 -6.48
CA VAL B 38 2.85 8.88 -5.63
C VAL B 38 1.78 8.77 -4.56
N LEU B 39 1.31 7.55 -4.32
CA LEU B 39 0.28 7.28 -3.32
C LEU B 39 0.92 6.64 -2.09
N THR B 40 0.48 7.05 -0.90
CA THR B 40 1.00 6.45 0.33
C THR B 40 -0.08 6.57 1.41
N ALA B 41 0.26 6.18 2.63
CA ALA B 41 -0.66 6.30 3.76
C ALA B 41 -0.52 7.67 4.41
N ALA B 42 -1.65 8.22 4.88
CA ALA B 42 -1.60 9.53 5.55
C ALA B 42 -0.70 9.50 6.78
N HIS B 43 -0.72 8.40 7.55
CA HIS B 43 0.04 8.40 8.79
C HIS B 43 1.55 8.39 8.55
N CYS B 44 1.98 8.14 7.31
CA CYS B 44 3.40 8.29 6.98
C CYS B 44 3.84 9.75 7.00
N LEU B 45 2.90 10.66 6.80
CA LEU B 45 3.16 12.10 6.77
C LEU B 45 2.69 12.79 8.03
N LEU B 46 1.56 12.37 8.59
CA LEU B 46 0.95 13.09 9.70
C LEU B 46 0.51 12.09 10.77
N TYR B 47 1.18 12.09 11.92
CA TYR B 47 0.75 11.25 13.03
C TYR B 47 1.15 11.90 14.35
N PRO B 48 0.31 12.81 14.84
CA PRO B 48 0.67 13.62 16.04
C PRO B 48 1.06 12.79 17.25
N PRO B 49 0.44 11.63 17.51
CA PRO B 49 0.87 10.85 18.69
C PRO B 49 2.34 10.46 18.68
N TRP B 50 2.98 10.44 17.51
CA TRP B 50 4.41 10.21 17.43
C TRP B 50 5.16 11.49 17.02
N ASP B 51 4.52 12.64 17.19
CA ASP B 51 5.11 13.93 16.86
C ASP B 51 5.58 13.98 15.41
N LYS B 52 4.78 13.40 14.51
CA LYS B 52 5.11 13.32 13.10
C LYS B 52 4.22 14.28 12.33
N ASN B 53 4.84 15.25 11.64
CA ASN B 53 4.09 16.16 10.79
C ASN B 53 5.05 16.66 9.71
N PHE B 54 5.29 15.81 8.72
CA PHE B 54 6.21 16.10 7.63
C PHE B 54 5.52 16.90 6.52
N THR B 55 6.22 17.91 6.00
CA THR B 55 5.80 18.58 4.78
C THR B 55 6.69 18.11 3.62
N GLU B 56 6.41 18.63 2.43
CA GLU B 56 7.17 18.20 1.26
C GLU B 56 8.65 18.54 1.39
N ASN B 57 8.98 19.59 2.16
CA ASN B 57 10.37 19.98 2.32
C ASN B 57 11.17 19.01 3.17
N ASP B 58 10.51 18.11 3.88
CA ASP B 58 11.18 17.18 4.79
C ASP B 58 11.51 15.85 4.16
N LEU B 59 11.05 15.57 2.94
CA LEU B 59 10.95 14.22 2.41
C LEU B 59 11.55 14.12 1.01
N LEU B 60 11.84 12.88 0.61
CA LEU B 60 12.16 12.54 -0.77
C LEU B 60 11.71 11.10 -1.00
N VAL B 61 11.68 10.72 -2.28
CA VAL B 61 11.30 9.35 -2.64
C VAL B 61 12.40 8.76 -3.51
N ARG B 62 12.56 7.43 -3.42
CA ARG B 62 13.43 6.69 -4.33
C ARG B 62 12.57 5.65 -5.04
N ILE B 63 12.74 5.57 -6.35
CA ILE B 63 11.87 4.82 -7.25
C ILE B 63 12.73 3.84 -8.04
N GLY B 64 12.22 2.64 -8.27
CA GLY B 64 12.92 1.67 -9.08
C GLY B 64 13.81 0.71 -8.35
N LYS B 65 13.82 0.74 -7.01
CA LYS B 65 14.81 -0.02 -6.26
C LYS B 65 14.37 -1.47 -6.04
N HIS B 66 15.38 -2.33 -5.96
CA HIS B 66 15.23 -3.74 -5.65
C HIS B 66 15.94 -4.10 -4.36
N SER B 67 17.19 -3.65 -4.22
CA SER B 67 18.01 -3.96 -3.07
C SER B 67 18.38 -2.65 -2.40
N ARG B 68 18.15 -2.56 -1.09
CA ARG B 68 18.31 -1.27 -0.44
C ARG B 68 19.68 -1.10 0.21
N THR B 69 20.63 -1.99 -0.07
CA THR B 69 21.97 -1.89 0.48
C THR B 69 23.02 -1.44 -0.54
N ARG B 70 22.69 -1.40 -1.82
CA ARG B 70 23.59 -0.85 -2.82
C ARG B 70 22.82 0.10 -3.73
N TYR B 71 23.47 1.18 -4.14
CA TYR B 71 22.91 2.05 -5.15
C TYR B 71 22.81 1.29 -6.47
N GLU B 72 21.65 1.38 -7.11
CA GLU B 72 21.40 0.61 -8.32
C GLU B 72 21.55 1.55 -9.53
N ARG B 73 22.79 1.64 -10.03
CA ARG B 73 23.13 2.58 -11.09
C ARG B 73 22.31 2.30 -12.35
N ASN B 74 21.78 3.37 -12.95
CA ASN B 74 21.02 3.34 -14.19
C ASN B 74 19.70 2.62 -14.04
N ILE B 75 19.25 2.48 -12.80
CA ILE B 75 17.99 1.83 -12.46
C ILE B 75 17.19 2.76 -11.55
N GLU B 76 17.72 3.06 -10.36
CA GLU B 76 16.92 3.82 -9.42
C GLU B 76 16.94 5.32 -9.71
N LYS B 77 15.87 5.98 -9.29
CA LYS B 77 15.70 7.42 -9.48
C LYS B 77 15.29 8.04 -8.16
N ILE B 78 15.74 9.26 -7.92
CA ILE B 78 15.47 9.97 -6.69
C ILE B 78 14.75 11.26 -7.01
N SER B 79 13.71 11.59 -6.24
CA SER B 79 12.93 12.77 -6.56
C SER B 79 12.53 13.50 -5.29
N MET B 80 12.61 14.82 -5.32
CA MET B 80 12.00 15.65 -4.29
C MET B 80 10.49 15.76 -4.54
N LEU B 81 9.79 16.31 -3.57
CA LEU B 81 8.34 16.47 -3.65
C LEU B 81 7.97 17.93 -3.82
N GLU B 82 7.01 18.19 -4.69
CA GLU B 82 6.51 19.55 -4.85
C GLU B 82 5.45 19.88 -3.80
N LYS B 83 4.58 18.92 -3.50
CA LYS B 83 3.49 19.18 -2.58
C LYS B 83 2.98 17.83 -2.09
N ILE B 84 2.43 17.82 -0.87
CA ILE B 84 1.73 16.65 -0.35
C ILE B 84 0.29 17.04 -0.05
N TYR B 85 -0.59 16.02 -0.09
CA TYR B 85 -2.02 16.20 0.09
C TYR B 85 -2.52 15.06 0.95
N ILE B 86 -3.05 15.38 2.11
CA ILE B 86 -3.58 14.37 3.03
C ILE B 86 -5.10 14.45 2.99
N HIS B 87 -5.76 13.29 3.04
CA HIS B 87 -7.22 13.28 3.03
C HIS B 87 -7.74 14.18 4.14
N PRO B 88 -8.66 15.09 3.86
CA PRO B 88 -9.12 16.02 4.91
C PRO B 88 -9.88 15.35 6.04
N ARG B 89 -10.36 14.13 5.86
N ARG B 89 -10.36 14.12 5.87
CA ARG B 89 -11.09 13.40 6.90
CA ARG B 89 -11.07 13.42 6.93
C ARG B 89 -10.30 12.23 7.46
C ARG B 89 -10.31 12.18 7.40
N TYR B 90 -8.99 12.21 7.24
CA TYR B 90 -8.11 11.21 7.84
C TYR B 90 -8.24 11.24 9.35
N ASN B 91 -8.42 10.07 9.97
CA ASN B 91 -8.69 9.99 11.40
C ASN B 91 -7.53 9.31 12.11
N TRP B 92 -6.52 10.08 12.50
CA TRP B 92 -5.42 9.48 13.23
C TRP B 92 -5.78 9.17 14.68
N ARG B 93 -6.76 9.87 15.24
CA ARG B 93 -7.01 9.78 16.68
C ARG B 93 -7.62 8.45 17.12
N GLU B 94 -8.23 7.68 16.23
CA GLU B 94 -8.82 6.43 16.69
C GLU B 94 -8.44 5.23 15.83
N ASN B 95 -8.95 5.16 14.61
CA ASN B 95 -8.93 3.93 13.82
C ASN B 95 -8.24 4.08 12.47
N LEU B 96 -7.58 5.21 12.20
CA LEU B 96 -6.86 5.44 10.96
C LEU B 96 -7.78 5.37 9.74
N ASP B 97 -9.04 5.74 9.95
CA ASP B 97 -9.99 5.87 8.85
C ASP B 97 -9.44 6.82 7.80
N ARG B 98 -9.59 6.44 6.52
CA ARG B 98 -9.16 7.27 5.39
C ARG B 98 -7.67 7.55 5.45
N ASP B 99 -6.90 6.49 5.66
CA ASP B 99 -5.45 6.60 5.83
C ASP B 99 -4.80 6.67 4.45
N ILE B 100 -4.83 7.86 3.85
CA ILE B 100 -4.41 7.99 2.44
C ILE B 100 -3.84 9.39 2.21
N ALA B 101 -2.79 9.45 1.39
CA ALA B 101 -2.16 10.72 1.03
C ALA B 101 -1.56 10.61 -0.36
N LEU B 102 -1.46 11.75 -1.04
CA LEU B 102 -0.87 11.85 -2.37
C LEU B 102 0.34 12.76 -2.32
N MET B 103 1.36 12.44 -3.11
CA MET B 103 2.58 13.26 -3.15
C MET B 103 2.95 13.56 -4.59
N LYS B 104 3.10 14.84 -4.92
CA LYS B 104 3.43 15.25 -6.28
C LYS B 104 4.94 15.39 -6.42
N LEU B 105 5.51 14.71 -7.41
CA LEU B 105 6.95 14.79 -7.64
C LEU B 105 7.35 16.17 -8.13
N LYS B 106 8.54 16.62 -7.70
CA LYS B 106 9.04 17.92 -8.13
C LYS B 106 9.34 17.94 -9.62
N LYS B 107 9.80 16.82 -10.18
CA LYS B 107 9.84 16.69 -11.63
C LYS B 107 9.35 15.30 -12.01
N PRO B 108 8.61 15.18 -13.12
CA PRO B 108 8.12 13.86 -13.54
C PRO B 108 9.28 12.89 -13.76
N VAL B 109 9.01 11.61 -13.47
CA VAL B 109 9.99 10.53 -13.61
C VAL B 109 9.75 9.84 -14.95
N ALA B 110 10.85 9.50 -15.64
CA ALA B 110 10.73 8.73 -16.87
C ALA B 110 10.53 7.25 -16.56
N PHE B 111 9.65 6.61 -17.31
CA PHE B 111 9.42 5.20 -17.09
C PHE B 111 10.56 4.39 -17.72
N SER B 112 10.71 3.17 -17.23
CA SER B 112 11.80 2.28 -17.63
C SER B 112 11.35 0.85 -17.38
N ASP B 113 12.26 -0.10 -17.57
CA ASP B 113 11.97 -1.49 -17.22
C ASP B 113 11.71 -1.65 -15.73
N TYR B 114 12.18 -0.71 -14.92
CA TYR B 114 12.15 -0.82 -13.47
C TYR B 114 11.18 0.15 -12.81
N ILE B 115 10.64 1.09 -13.58
CA ILE B 115 9.81 2.18 -13.06
C ILE B 115 8.59 2.27 -13.96
N HIS B 116 7.41 1.98 -13.41
CA HIS B 116 6.21 1.93 -14.22
C HIS B 116 5.02 2.06 -13.30
N PRO B 117 3.98 2.82 -13.67
CA PRO B 117 2.86 3.03 -12.75
C PRO B 117 1.92 1.85 -12.66
N VAL B 118 1.30 1.71 -11.48
CA VAL B 118 0.20 0.77 -11.24
C VAL B 118 -1.11 1.44 -11.61
N CYS B 119 -2.12 0.63 -11.95
CA CYS B 119 -3.45 1.17 -12.20
C CYS B 119 -4.22 1.41 -10.91
N LEU B 120 -5.07 2.48 -10.93
CA LEU B 120 -6.06 2.53 -9.86
C LEU B 120 -7.34 1.84 -10.32
N PRO B 121 -8.09 1.22 -9.40
CA PRO B 121 -9.28 0.45 -9.83
C PRO B 121 -10.38 1.36 -10.34
N ASP B 122 -11.06 0.89 -11.37
CA ASP B 122 -12.32 1.46 -11.79
C ASP B 122 -13.46 0.69 -11.11
N ARG B 123 -14.70 1.13 -11.35
CA ARG B 123 -15.84 0.51 -10.68
C ARG B 123 -15.96 -0.96 -11.02
N GLU B 124 -15.70 -1.32 -12.28
CA GLU B 124 -15.79 -2.71 -12.70
C GLU B 124 -14.77 -3.57 -11.96
N THR B 125 -13.53 -3.10 -11.88
CA THR B 125 -12.48 -3.91 -11.24
C THR B 125 -12.75 -4.09 -9.76
N ALA B 126 -13.17 -3.03 -9.06
CA ALA B 126 -13.50 -3.15 -7.64
C ALA B 126 -14.65 -4.11 -7.41
N ALA B 127 -15.73 -3.97 -8.20
CA ALA B 127 -16.87 -4.88 -8.04
C ALA B 127 -16.47 -6.33 -8.27
N SER B 128 -15.58 -6.56 -9.23
CA SER B 128 -15.24 -7.92 -9.64
C SER B 128 -14.19 -8.57 -8.73
N LEU B 129 -13.19 -7.81 -8.28
CA LEU B 129 -12.03 -8.41 -7.63
C LEU B 129 -12.05 -8.29 -6.11
N LEU B 130 -12.77 -7.32 -5.54
CA LEU B 130 -12.76 -7.11 -4.08
C LEU B 130 -13.76 -8.08 -3.44
N GLN B 131 -13.36 -9.33 -3.40
CA GLN B 131 -14.21 -10.38 -2.86
C GLN B 131 -13.42 -11.23 -1.89
N ALA B 132 -14.10 -11.69 -0.84
CA ALA B 132 -13.46 -12.53 0.15
C ALA B 132 -12.93 -13.80 -0.50
N GLY B 133 -11.69 -14.16 -0.17
CA GLY B 133 -11.03 -15.32 -0.72
C GLY B 133 -10.18 -15.04 -1.93
N TYR B 134 -10.44 -13.96 -2.65
CA TYR B 134 -9.56 -13.56 -3.74
C TYR B 134 -8.25 -13.02 -3.17
N LYS B 135 -7.14 -13.35 -3.83
CA LYS B 135 -5.84 -12.98 -3.30
C LYS B 135 -5.27 -11.72 -3.97
N GLY B 136 -4.61 -10.91 -3.16
CA GLY B 136 -3.79 -9.80 -3.64
C GLY B 136 -2.37 -9.96 -3.15
N ARG B 137 -1.55 -8.95 -3.40
CA ARG B 137 -0.11 -9.05 -3.21
C ARG B 137 0.38 -7.79 -2.52
N VAL B 138 1.17 -7.96 -1.46
CA VAL B 138 1.71 -6.85 -0.69
C VAL B 138 3.23 -6.91 -0.78
N THR B 139 3.86 -5.74 -0.89
CA THR B 139 5.31 -5.64 -1.08
C THR B 139 5.89 -4.58 -0.16
N GLY B 140 7.11 -4.79 0.32
CA GLY B 140 7.73 -3.75 1.14
C GLY B 140 9.07 -4.17 1.70
N TRP B 141 9.74 -3.18 2.29
CA TRP B 141 11.04 -3.34 2.93
C TRP B 141 10.94 -3.30 4.45
N GLY B 142 9.75 -3.57 5.00
CA GLY B 142 9.53 -3.51 6.44
C GLY B 142 9.98 -4.75 7.17
N ASN B 143 9.66 -4.78 8.47
CA ASN B 143 10.09 -5.83 9.38
C ASN B 143 9.75 -7.22 8.86
N LEU B 144 10.70 -8.15 9.03
CA LEU B 144 10.46 -9.55 8.69
C LEU B 144 9.72 -10.30 9.79
N LYS B 145 9.66 -9.74 11.00
CA LYS B 145 8.97 -10.35 12.13
C LYS B 145 8.40 -9.22 12.98
N GLU B 146 7.37 -9.55 13.77
CA GLU B 146 6.86 -8.58 14.72
C GLU B 146 7.96 -8.15 15.70
N THR B 147 8.75 -9.11 16.17
CA THR B 147 9.76 -8.87 17.21
C THR B 147 11.00 -9.74 17.00
N GLY B 153 20.11 -9.32 14.36
CA GLY B 153 20.34 -10.55 13.62
C GLY B 153 19.90 -10.45 12.17
N LYS B 154 18.74 -9.85 11.96
CA LYS B 154 18.23 -9.60 10.62
C LYS B 154 17.24 -8.44 10.66
N GLY B 155 15.99 -8.73 10.99
CA GLY B 155 15.00 -7.68 11.16
C GLY B 155 14.48 -7.08 9.87
N GLN B 156 15.37 -6.49 9.07
CA GLN B 156 15.02 -5.73 7.89
C GLN B 156 15.67 -6.36 6.67
N PRO B 157 14.93 -6.58 5.58
CA PRO B 157 15.50 -7.27 4.43
C PRO B 157 16.31 -6.34 3.55
N SER B 158 17.31 -6.91 2.87
CA SER B 158 18.00 -6.16 1.83
C SER B 158 17.13 -6.02 0.59
N VAL B 159 16.51 -7.11 0.12
CA VAL B 159 15.77 -7.02 -1.12
C VAL B 159 14.27 -6.97 -0.82
N LEU B 160 13.56 -6.28 -1.71
CA LEU B 160 12.10 -6.12 -1.61
C LEU B 160 11.42 -7.46 -1.38
N GLN B 161 10.49 -7.47 -0.41
CA GLN B 161 9.77 -8.69 -0.04
C GLN B 161 8.35 -8.66 -0.61
N VAL B 162 7.84 -9.85 -0.93
N VAL B 162 7.85 -9.84 -0.94
CA VAL B 162 6.52 -9.97 -1.56
CA VAL B 162 6.54 -10.02 -1.57
C VAL B 162 5.76 -11.11 -0.89
C VAL B 162 5.77 -11.10 -0.82
N VAL B 163 4.47 -10.90 -0.62
CA VAL B 163 3.62 -11.96 -0.10
C VAL B 163 2.22 -11.82 -0.72
N ASN B 164 1.61 -12.96 -1.07
CA ASN B 164 0.25 -13.00 -1.57
C ASN B 164 -0.68 -13.40 -0.44
N LEU B 165 -1.80 -12.67 -0.28
CA LEU B 165 -2.71 -12.89 0.84
C LEU B 165 -4.16 -12.77 0.40
N PRO B 166 -5.06 -13.56 0.96
CA PRO B 166 -6.48 -13.47 0.57
C PRO B 166 -7.22 -12.38 1.31
N ILE B 167 -8.13 -11.72 0.57
CA ILE B 167 -9.08 -10.80 1.20
C ILE B 167 -9.99 -11.59 2.15
N VAL B 168 -10.32 -10.99 3.29
CA VAL B 168 -11.09 -11.67 4.33
C VAL B 168 -12.47 -11.04 4.42
N GLU B 169 -13.48 -11.86 4.73
CA GLU B 169 -14.85 -11.37 4.91
C GLU B 169 -14.90 -10.33 6.01
N ARG B 170 -15.68 -9.27 5.78
CA ARG B 170 -15.81 -8.21 6.78
C ARG B 170 -16.20 -8.70 8.17
N PRO B 171 -17.15 -9.63 8.36
CA PRO B 171 -17.48 -10.05 9.73
C PRO B 171 -16.31 -10.72 10.43
N VAL B 172 -15.45 -11.44 9.72
CA VAL B 172 -14.25 -12.00 10.34
C VAL B 172 -13.26 -10.90 10.71
N CYS B 173 -13.09 -9.92 9.81
CA CYS B 173 -12.25 -8.77 10.13
C CYS B 173 -12.75 -8.07 11.38
N LYS B 174 -14.06 -7.86 11.45
CA LYS B 174 -14.65 -7.13 12.56
C LYS B 174 -14.48 -7.89 13.88
N ASP B 175 -14.69 -9.20 13.86
CA ASP B 175 -14.56 -10.01 15.06
C ASP B 175 -13.11 -10.19 15.50
N SER B 176 -12.14 -9.89 14.64
CA SER B 176 -10.75 -10.15 14.98
C SER B 176 -10.13 -9.06 15.85
N THR B 177 -10.82 -7.95 16.06
CA THR B 177 -10.21 -6.79 16.69
C THR B 177 -11.29 -6.02 17.45
N ARG B 178 -10.88 -5.38 18.54
CA ARG B 178 -11.79 -4.49 19.26
C ARG B 178 -11.78 -3.08 18.70
N ILE B 179 -10.87 -2.78 17.78
CA ILE B 179 -10.88 -1.49 17.10
C ILE B 179 -12.15 -1.35 16.27
N ARG B 180 -12.75 -0.16 16.30
CA ARG B 180 -13.94 0.11 15.50
C ARG B 180 -13.50 0.36 14.06
N ILE B 181 -13.73 -0.61 13.19
CA ILE B 181 -13.26 -0.47 11.81
C ILE B 181 -14.35 0.18 10.97
N THR B 182 -14.00 0.61 9.76
CA THR B 182 -14.91 1.33 8.89
C THR B 182 -14.92 0.69 7.50
N ASP B 183 -15.86 1.15 6.67
CA ASP B 183 -15.92 0.68 5.29
C ASP B 183 -14.77 1.16 4.43
N ASN B 184 -13.96 2.09 4.94
CA ASN B 184 -12.81 2.61 4.18
C ASN B 184 -11.56 1.78 4.40
N MET B 185 -11.68 0.62 5.05
CA MET B 185 -10.56 -0.27 5.21
C MET B 185 -11.06 -1.70 5.00
N PHE B 186 -10.16 -2.58 4.56
CA PHE B 186 -10.46 -4.01 4.48
C PHE B 186 -9.31 -4.76 5.11
N CYS B 187 -9.53 -6.02 5.46
CA CYS B 187 -8.43 -6.80 6.01
C CYS B 187 -8.14 -7.99 5.12
N ALA B 188 -6.91 -8.51 5.25
CA ALA B 188 -6.46 -9.62 4.43
C ALA B 188 -5.46 -10.47 5.19
N GLY B 189 -5.37 -11.74 4.81
CA GLY B 189 -4.51 -12.65 5.52
C GLY B 189 -5.16 -14.01 5.66
N TYR B 190 -4.37 -15.02 5.97
CA TYR B 190 -4.92 -16.35 6.12
C TYR B 190 -5.58 -16.53 7.48
N LYS B 191 -6.65 -17.33 7.50
CA LYS B 191 -7.31 -17.70 8.74
C LYS B 191 -6.50 -18.75 9.47
N PRO B 192 -6.72 -18.90 10.78
CA PRO B 192 -5.93 -19.89 11.54
C PRO B 192 -6.06 -21.31 11.01
N ASP B 193 -7.20 -21.66 10.42
CA ASP B 193 -7.42 -23.01 9.91
C ASP B 193 -6.84 -23.22 8.51
N GLU B 194 -6.32 -22.19 7.86
CA GLU B 194 -5.88 -22.34 6.47
C GLU B 194 -4.43 -22.78 6.32
N GLY B 195 -3.67 -22.87 7.41
CA GLY B 195 -2.36 -23.49 7.33
C GLY B 195 -1.35 -22.83 6.41
N LYS B 196 -1.59 -21.58 6.03
CA LYS B 196 -0.58 -20.76 5.37
C LYS B 196 -0.44 -19.48 6.19
N ARG B 197 0.66 -18.76 5.98
CA ARG B 197 0.92 -17.57 6.79
C ARG B 197 1.32 -16.41 5.91
N GLY B 198 1.56 -15.26 6.54
CA GLY B 198 2.00 -14.07 5.85
C GLY B 198 1.30 -12.82 6.33
N ASP B 199 2.01 -11.69 6.28
CA ASP B 199 1.44 -10.43 6.73
C ASP B 199 2.38 -9.30 6.31
N ALA B 200 1.85 -8.09 6.24
CA ALA B 200 2.70 -6.92 6.28
C ALA B 200 3.10 -6.63 7.74
N CYS B 201 4.00 -5.68 7.94
CA CYS B 201 4.47 -5.42 9.29
C CYS B 201 5.00 -3.98 9.33
N GLU B 202 5.51 -3.59 10.50
CA GLU B 202 6.07 -2.25 10.70
C GLU B 202 7.09 -1.94 9.60
N GLY B 203 6.99 -0.75 9.02
CA GLY B 203 7.85 -0.35 7.94
C GLY B 203 7.31 -0.64 6.56
N ASP B 204 6.28 -1.46 6.46
CA ASP B 204 5.61 -1.70 5.18
C ASP B 204 4.48 -0.71 4.91
N SER B 205 4.13 0.13 5.88
CA SER B 205 2.93 0.94 5.71
C SER B 205 3.12 1.92 4.56
N GLY B 206 2.00 2.28 3.93
CA GLY B 206 2.04 3.11 2.75
C GLY B 206 2.24 2.34 1.46
N GLY B 207 2.77 1.12 1.53
CA GLY B 207 2.98 0.30 0.37
C GLY B 207 1.69 -0.29 -0.19
N PRO B 208 1.76 -0.81 -1.40
CA PRO B 208 0.55 -1.26 -2.10
C PRO B 208 0.13 -2.71 -1.87
N PHE B 209 -1.20 -2.89 -1.87
CA PHE B 209 -1.86 -4.20 -1.98
C PHE B 209 -2.44 -4.22 -3.40
N VAL B 210 -1.91 -5.09 -4.25
CA VAL B 210 -2.28 -5.07 -5.65
C VAL B 210 -2.92 -6.39 -6.05
N MET B 211 -3.67 -6.34 -7.14
CA MET B 211 -4.35 -7.52 -7.69
C MET B 211 -4.19 -7.49 -9.20
N LYS B 212 -4.04 -8.66 -9.81
CA LYS B 212 -3.89 -8.72 -11.26
C LYS B 212 -5.24 -9.04 -11.88
N SER B 213 -5.72 -8.17 -12.75
CA SER B 213 -7.02 -8.37 -13.34
C SER B 213 -6.97 -9.49 -14.37
N PRO B 214 -7.84 -10.51 -14.25
CA PRO B 214 -7.91 -11.52 -15.32
C PRO B 214 -8.56 -11.00 -16.58
N PHE B 215 -9.17 -9.82 -16.53
CA PHE B 215 -9.93 -9.30 -17.66
C PHE B 215 -9.06 -8.54 -18.66
N ASN B 216 -7.99 -7.90 -18.18
CA ASN B 216 -7.11 -7.15 -19.07
C ASN B 216 -5.64 -7.35 -18.72
N ASN B 217 -5.33 -8.23 -17.77
CA ASN B 217 -3.96 -8.58 -17.38
C ASN B 217 -3.19 -7.43 -16.73
N ARG B 218 -3.87 -6.38 -16.30
CA ARG B 218 -3.23 -5.24 -15.64
C ARG B 218 -3.24 -5.41 -14.12
N TRP B 219 -2.20 -4.87 -13.49
CA TRP B 219 -2.15 -4.80 -12.03
C TRP B 219 -2.84 -3.55 -11.51
N TYR B 220 -3.71 -3.73 -10.52
CA TYR B 220 -4.47 -2.64 -9.90
C TYR B 220 -4.13 -2.55 -8.42
N GLN B 221 -3.99 -1.32 -7.92
CA GLN B 221 -3.75 -1.13 -6.49
C GLN B 221 -5.09 -1.00 -5.76
N MET B 222 -5.45 -2.03 -5.00
CA MET B 222 -6.72 -2.02 -4.27
C MET B 222 -6.57 -1.53 -2.83
N GLY B 223 -5.38 -1.64 -2.23
CA GLY B 223 -5.21 -1.26 -0.84
C GLY B 223 -3.88 -0.56 -0.59
N ILE B 224 -3.79 0.07 0.58
CA ILE B 224 -2.55 0.64 1.11
C ILE B 224 -2.32 0.04 2.48
N VAL B 225 -1.11 -0.48 2.71
CA VAL B 225 -0.80 -1.01 4.05
C VAL B 225 -1.03 0.10 5.07
N SER B 226 -1.91 -0.17 6.04
CA SER B 226 -2.28 0.84 7.03
C SER B 226 -1.93 0.45 8.45
N TRP B 227 -2.52 -0.63 9.00
CA TRP B 227 -2.27 -0.93 10.40
C TRP B 227 -2.54 -2.40 10.67
N GLY B 228 -2.22 -2.80 11.90
CA GLY B 228 -2.49 -4.14 12.39
C GLY B 228 -2.18 -4.16 13.86
N GLU B 229 -2.33 -5.34 14.45
CA GLU B 229 -2.02 -5.57 15.86
C GLU B 229 -0.92 -6.63 15.88
N GLY B 230 0.32 -6.21 16.09
CA GLY B 230 1.40 -7.15 15.86
C GLY B 230 1.47 -7.50 14.38
N CYS B 231 2.12 -8.63 14.08
CA CYS B 231 2.29 -9.08 12.71
C CYS B 231 2.22 -10.60 12.64
N ASP B 232 1.42 -11.11 11.70
CA ASP B 232 1.32 -12.54 11.39
C ASP B 232 0.87 -13.37 12.60
N ARG B 233 0.02 -12.80 13.45
CA ARG B 233 -0.52 -13.54 14.58
C ARG B 233 -1.74 -14.35 14.15
N ASP B 234 -1.89 -15.53 14.74
CA ASP B 234 -3.07 -16.35 14.45
C ASP B 234 -4.33 -15.59 14.85
N GLY B 235 -5.29 -15.52 13.94
CA GLY B 235 -6.56 -14.87 14.21
C GLY B 235 -6.53 -13.36 14.14
N LYS B 236 -5.42 -12.77 13.73
CA LYS B 236 -5.31 -11.35 13.44
C LYS B 236 -5.09 -11.19 11.94
N TYR B 237 -5.44 -10.01 11.41
CA TYR B 237 -5.33 -9.75 9.99
C TYR B 237 -4.76 -8.35 9.78
N GLY B 238 -4.04 -8.17 8.68
CA GLY B 238 -3.58 -6.82 8.32
C GLY B 238 -4.72 -6.00 7.75
N PHE B 239 -4.70 -4.70 8.06
CA PHE B 239 -5.73 -3.80 7.57
C PHE B 239 -5.15 -2.83 6.54
N TYR B 240 -5.94 -2.58 5.50
CA TYR B 240 -5.52 -1.84 4.32
C TYR B 240 -6.53 -0.74 4.02
N THR B 241 -6.03 0.44 3.66
CA THR B 241 -6.90 1.48 3.14
C THR B 241 -7.58 1.02 1.86
N HIS B 242 -8.89 1.22 1.78
CA HIS B 242 -9.70 0.80 0.63
C HIS B 242 -9.56 1.88 -0.46
N VAL B 243 -8.68 1.63 -1.43
CA VAL B 243 -8.34 2.67 -2.41
C VAL B 243 -9.56 3.09 -3.22
N PHE B 244 -10.34 2.12 -3.71
CA PHE B 244 -11.45 2.48 -4.58
C PHE B 244 -12.49 3.33 -3.84
N ARG B 245 -12.77 3.00 -2.57
CA ARG B 245 -13.68 3.82 -1.78
C ARG B 245 -13.28 5.30 -1.78
N LEU B 246 -11.98 5.57 -1.84
CA LEU B 246 -11.48 6.94 -1.72
C LEU B 246 -11.08 7.53 -3.07
N LYS B 247 -11.48 6.89 -4.17
CA LYS B 247 -10.96 7.30 -5.49
C LYS B 247 -11.47 8.66 -5.94
N LYS B 248 -12.64 9.10 -5.47
CA LYS B 248 -13.10 10.41 -5.89
C LYS B 248 -12.24 11.51 -5.30
N TRP B 249 -11.75 11.31 -4.07
CA TRP B 249 -10.79 12.25 -3.50
C TRP B 249 -9.47 12.19 -4.25
N ILE B 250 -9.00 10.99 -4.57
CA ILE B 250 -7.76 10.86 -5.34
C ILE B 250 -7.87 11.63 -6.64
N GLN B 251 -8.95 11.39 -7.39
CA GLN B 251 -9.12 12.04 -8.68
C GLN B 251 -9.28 13.55 -8.55
N LYS B 252 -9.92 14.01 -7.48
CA LYS B 252 -10.09 15.45 -7.27
C LYS B 252 -8.74 16.12 -7.11
N VAL B 253 -7.86 15.56 -6.28
CA VAL B 253 -6.54 16.13 -6.08
C VAL B 253 -5.74 16.12 -7.38
N ILE B 254 -5.74 14.98 -8.09
CA ILE B 254 -4.96 14.91 -9.33
C ILE B 254 -5.53 15.86 -10.38
N ASP B 255 -6.86 15.86 -10.54
CA ASP B 255 -7.47 16.73 -11.55
C ASP B 255 -7.22 18.20 -11.23
N GLN B 256 -7.32 18.58 -9.96
CA GLN B 256 -7.23 19.99 -9.61
C GLN B 256 -5.80 20.48 -9.49
N PHE B 257 -4.88 19.63 -9.02
CA PHE B 257 -3.52 20.05 -8.73
C PHE B 257 -2.49 19.38 -9.63
N GLY B 258 -2.93 18.64 -10.65
CA GLY B 258 -2.02 18.00 -11.60
C GLY B 258 -1.00 18.93 -12.22
N GLU B 259 -1.25 20.24 -12.16
CA GLU B 259 -0.29 21.26 -12.54
C GLU B 259 0.07 22.15 -11.35
N ASP C 12 -20.71 2.61 -2.83
CA ASP C 12 -19.37 2.03 -2.89
C ASP C 12 -18.31 3.14 -2.98
N ASP C 14 -16.87 6.37 -0.65
CA ASP C 14 -16.89 7.11 0.61
C ASP C 14 -17.49 8.50 0.40
N GLU C 15 -18.37 8.89 1.30
CA GLU C 15 -18.89 10.25 1.30
C GLU C 15 -18.63 10.92 2.64
N GLU C 17 -19.13 15.06 4.55
CA GLU C 17 -19.56 16.43 4.37
C GLU C 17 -18.34 17.34 4.33
N GLU C 18 -18.38 18.31 3.42
CA GLU C 18 -17.25 19.21 3.23
C GLU C 18 -16.86 19.91 4.52
N ASP C 19 -17.84 20.26 5.36
CA ASP C 19 -17.58 21.03 6.56
C ASP C 19 -17.18 20.16 7.75
N GLY C 20 -17.67 18.91 7.80
CA GLY C 20 -17.63 18.10 9.00
C GLY C 20 -16.26 17.82 9.60
N THR C 21 -16.24 17.04 10.68
CA THR C 21 -15.02 16.68 11.39
C THR C 21 -15.02 15.19 11.67
N THR C 22 -13.82 14.65 11.86
CA THR C 22 -13.70 13.27 12.32
C THR C 22 -14.27 13.18 13.74
N PRO C 23 -14.91 12.07 14.08
CA PRO C 23 -15.56 11.98 15.39
C PRO C 23 -14.57 12.01 16.55
N THR C 24 -14.98 12.68 17.62
CA THR C 24 -14.22 12.64 18.85
C THR C 24 -14.18 11.19 19.35
N PRO C 25 -13.00 10.61 19.57
CA PRO C 25 -12.94 9.20 19.95
C PRO C 25 -13.51 8.97 21.34
N ASP C 26 -14.29 7.90 21.47
CA ASP C 26 -14.72 7.40 22.77
C ASP C 26 -13.47 7.08 23.60
N PRO C 27 -13.29 7.67 24.79
CA PRO C 27 -12.08 7.41 25.56
C PRO C 27 -11.91 5.95 25.96
N THR C 28 -12.99 5.17 25.96
CA THR C 28 -12.90 3.75 26.28
C THR C 28 -12.57 2.89 25.07
N ALA C 29 -12.50 3.48 23.85
CA ALA C 29 -12.29 2.67 22.65
C ALA C 29 -10.79 2.50 22.40
N PRO C 30 -10.34 1.29 22.03
CA PRO C 30 -8.92 1.14 21.68
C PRO C 30 -8.59 1.83 20.37
N THR C 31 -7.31 2.21 20.21
CA THR C 31 -6.88 2.90 19.02
C THR C 31 -5.94 2.04 18.20
N ALA C 32 -6.01 2.20 16.88
CA ALA C 32 -5.14 1.47 15.96
C ALA C 32 -3.74 2.04 15.99
N LYS C 33 -2.74 1.14 15.99
CA LYS C 33 -1.35 1.54 15.90
C LYS C 33 -0.89 1.42 14.45
N PRO C 34 -0.42 2.49 13.83
CA PRO C 34 0.00 2.40 12.42
C PRO C 34 1.18 1.47 12.24
N ARG C 35 1.26 0.88 11.05
CA ARG C 35 2.47 0.14 10.68
C ARG C 35 3.53 1.10 10.14
#